data_2M1O
#
_entry.id   2M1O
#
loop_
_entity.id
_entity.type
_entity.pdbx_description
1 polymer "RNA (5'-R(P*GP*GP*GP*UP*GP*UP*A)-3')"
2 polymer "RNA (5'-R(P*AP*GP*CP*AP*CP*CP*C)-3')"
#
loop_
_entity_poly.entity_id
_entity_poly.type
_entity_poly.pdbx_seq_one_letter_code
_entity_poly.pdbx_strand_id
1 'polyribonucleotide' GGGUGUA A
2 'polyribonucleotide' AGCACCC B
#